data_6G3V
#
_entry.id   6G3V
#
_cell.length_a   62.507
_cell.length_b   71.369
_cell.length_c   121.442
_cell.angle_alpha   90.000
_cell.angle_beta   90.000
_cell.angle_gamma   90.000
#
_symmetry.space_group_name_H-M   'P 21 21 21'
#
loop_
_entity.id
_entity.type
_entity.pdbx_description
1 polymer 'Carbonic anhydrase 1'
2 non-polymer 'ZINC ION'
3 non-polymer famotidine
4 non-polymer GLYCEROL
5 water water
#
_entity_poly.entity_id   1
_entity_poly.type   'polypeptide(L)'
_entity_poly.pdbx_seq_one_letter_code
;MASPDWGYDDKNGPEQWSKLYPIANGNNQSPVDIKTSETKHDTSLKPISVSYNPATAKEIINVGHSFHVNFEDNDNRSVL
KGGPFSDSYRLFQFHFHWGSTNEHGSEHTVDGVKYSAELHVAHWNSAKYSSLAEAASKADGLAVIGVLMKVGEANPKLQK
VLDALQAIKTKGKRAPFTNFDPSTLLPSSLDFWTYPGSLTHPPLYESVTWIICKESISVSSEQLAQFRSLLSNVEGDNAV
PMQHNNRPTQPLKGRTVRASF
;
_entity_poly.pdbx_strand_id   A,B
#
loop_
_chem_comp.id
_chem_comp.type
_chem_comp.name
_chem_comp.formula
FO9 non-polymer famotidine 'C8 H17 N7 O2 S3'
GOL non-polymer GLYCEROL 'C3 H8 O3'
ZN non-polymer 'ZINC ION' 'Zn 2'
#
# COMPACT_ATOMS: atom_id res chain seq x y z
N TRP A 6 10.65 19.39 -8.83
CA TRP A 6 9.63 19.76 -7.77
C TRP A 6 8.85 18.53 -7.23
N GLY A 7 8.45 18.60 -5.98
CA GLY A 7 7.57 17.55 -5.49
C GLY A 7 6.76 18.08 -4.35
N TYR A 8 6.56 17.18 -3.40
CA TYR A 8 5.87 17.49 -2.17
C TYR A 8 6.76 17.12 -0.95
N ASP A 9 8.07 16.95 -1.14
CA ASP A 9 8.95 16.61 0.00
C ASP A 9 9.25 17.85 0.80
N ASP A 10 10.01 17.67 1.88
CA ASP A 10 10.44 18.77 2.71
C ASP A 10 11.29 19.78 1.86
N LYS A 11 12.06 19.24 0.91
CA LYS A 11 13.07 19.98 0.15
C LYS A 11 12.58 20.46 -1.21
N ASN A 12 11.67 19.74 -1.85
CA ASN A 12 11.19 20.22 -3.15
C ASN A 12 9.68 20.65 -3.20
N GLY A 13 9.09 20.92 -2.03
CA GLY A 13 7.67 20.96 -1.86
C GLY A 13 7.02 22.33 -1.99
N PRO A 14 5.69 22.44 -1.70
CA PRO A 14 5.00 23.68 -1.92
C PRO A 14 5.74 24.91 -1.42
N GLU A 15 6.31 24.92 -0.20
CA GLU A 15 6.90 26.20 0.31
C GLU A 15 8.24 26.63 -0.43
N GLN A 16 8.87 25.69 -1.17
CA GLN A 16 10.07 25.86 -2.08
C GLN A 16 9.74 26.21 -3.55
N TRP A 17 8.52 25.88 -4.02
CA TRP A 17 8.12 26.09 -5.44
C TRP A 17 8.44 27.49 -6.05
N SER A 18 8.36 28.56 -5.23
CA SER A 18 8.55 29.92 -5.75
C SER A 18 9.99 30.17 -6.26
N LYS A 19 10.95 29.34 -5.82
CA LYS A 19 12.36 29.50 -6.26
C LYS A 19 12.47 29.30 -7.76
N LEU A 20 11.78 28.28 -8.31
CA LEU A 20 11.75 28.05 -9.76
C LEU A 20 10.47 28.62 -10.40
N TYR A 21 9.37 28.74 -9.63
CA TYR A 21 8.07 29.21 -10.18
C TYR A 21 7.60 30.40 -9.39
N PRO A 22 8.09 31.61 -9.74
CA PRO A 22 7.77 32.82 -8.99
C PRO A 22 6.28 33.09 -8.96
N ILE A 23 5.51 32.60 -9.95
CA ILE A 23 4.07 32.82 -9.97
C ILE A 23 3.39 32.18 -8.68
N ALA A 24 4.12 31.37 -7.92
CA ALA A 24 3.58 30.70 -6.77
C ALA A 24 3.13 31.75 -5.74
N ASN A 25 3.74 32.93 -5.77
CA ASN A 25 3.36 34.00 -4.86
C ASN A 25 2.53 35.00 -5.61
N GLY A 26 1.82 34.59 -6.69
CA GLY A 26 0.98 35.51 -7.47
C GLY A 26 -0.36 35.86 -6.82
N ASN A 27 -1.25 36.54 -7.54
CA ASN A 27 -2.49 37.06 -7.02
C ASN A 27 -3.71 36.18 -7.25
N ASN A 28 -3.53 35.17 -8.11
CA ASN A 28 -4.59 34.19 -8.48
C ASN A 28 -4.15 32.74 -8.25
N GLN A 29 -3.49 32.49 -7.11
CA GLN A 29 -3.03 31.15 -6.79
C GLN A 29 -4.08 30.26 -6.12
N SER A 30 -4.00 28.95 -6.38
CA SER A 30 -5.01 28.04 -5.80
C SER A 30 -4.26 26.89 -5.07
N PRO A 31 -4.88 26.16 -4.12
CA PRO A 31 -6.24 26.30 -3.75
C PRO A 31 -6.46 27.47 -2.71
N VAL A 32 -7.68 27.62 -2.30
CA VAL A 32 -8.05 28.66 -1.30
C VAL A 32 -9.00 28.07 -0.26
N ASP A 33 -9.07 28.80 0.85
CA ASP A 33 -10.14 28.59 1.84
C ASP A 33 -11.39 29.37 1.44
N ILE A 34 -12.51 28.64 1.23
CA ILE A 34 -13.74 29.31 0.88
C ILE A 34 -14.46 29.71 2.19
N LYS A 35 -14.35 30.99 2.58
CA LYS A 35 -15.17 31.52 3.71
C LYS A 35 -16.62 31.79 3.32
N THR A 36 -17.57 31.04 3.85
CA THR A 36 -18.94 31.14 3.28
C THR A 36 -19.66 32.41 3.68
N SER A 37 -19.20 33.09 4.73
CA SER A 37 -19.88 34.38 5.10
C SER A 37 -19.43 35.49 4.11
N GLU A 38 -18.27 35.29 3.45
CA GLU A 38 -17.71 36.23 2.44
C GLU A 38 -17.97 35.96 0.93
N THR A 39 -18.65 34.89 0.60
CA THR A 39 -19.03 34.59 -0.76
C THR A 39 -20.22 35.44 -1.19
N LYS A 40 -20.29 35.76 -2.46
CA LYS A 40 -21.38 36.64 -2.84
C LYS A 40 -22.15 35.88 -3.87
N HIS A 41 -23.43 35.66 -3.55
CA HIS A 41 -24.33 34.86 -4.41
C HIS A 41 -24.47 35.64 -5.71
N ASP A 42 -24.32 34.95 -6.84
CA ASP A 42 -24.33 35.56 -8.14
C ASP A 42 -25.43 34.92 -8.94
N THR A 43 -26.38 35.79 -9.24
CA THR A 43 -27.65 35.44 -9.81
C THR A 43 -27.58 35.15 -11.33
N SER A 44 -26.53 35.63 -11.98
CA SER A 44 -26.29 35.28 -13.38
C SER A 44 -25.70 33.86 -13.64
N LEU A 45 -25.14 33.21 -12.63
CA LEU A 45 -24.61 31.84 -12.77
C LEU A 45 -25.64 30.80 -13.21
N LYS A 46 -25.44 30.24 -14.39
CA LYS A 46 -26.27 29.17 -14.91
C LYS A 46 -25.91 27.84 -14.19
N PRO A 47 -26.76 26.83 -14.32
CA PRO A 47 -26.34 25.53 -13.79
C PRO A 47 -25.13 24.97 -14.60
N ILE A 48 -24.34 24.12 -13.93
CA ILE A 48 -23.21 23.43 -14.48
C ILE A 48 -23.86 22.34 -15.29
N SER A 49 -23.42 22.18 -16.52
CA SER A 49 -23.88 21.08 -17.33
C SER A 49 -22.63 20.26 -17.81
N VAL A 50 -22.55 19.01 -17.38
CA VAL A 50 -21.60 18.05 -17.98
C VAL A 50 -22.24 17.00 -18.83
N SER A 51 -21.57 16.70 -19.93
CA SER A 51 -22.01 15.66 -20.81
C SER A 51 -20.77 14.99 -21.33
N TYR A 52 -20.45 13.84 -20.77
CA TYR A 52 -19.20 13.15 -21.12
C TYR A 52 -19.48 11.84 -21.86
N ASN A 53 -18.67 11.52 -22.86
CA ASN A 53 -18.85 10.21 -23.56
C ASN A 53 -17.87 9.16 -22.97
N PRO A 54 -18.40 8.01 -22.48
CA PRO A 54 -17.43 7.15 -21.85
C PRO A 54 -16.38 6.62 -22.87
N ALA A 55 -16.69 6.62 -24.16
CA ALA A 55 -15.70 6.28 -25.17
C ALA A 55 -14.46 7.24 -25.23
N THR A 56 -14.45 8.44 -24.60
CA THR A 56 -13.24 9.30 -24.64
C THR A 56 -12.18 8.93 -23.58
N ALA A 57 -12.54 8.11 -22.59
CA ALA A 57 -11.55 7.68 -21.63
C ALA A 57 -10.38 6.95 -22.36
N LYS A 58 -9.14 7.31 -22.03
CA LYS A 58 -7.95 6.78 -22.72
C LYS A 58 -6.93 5.93 -21.89
N GLU A 59 -6.34 6.48 -20.83
CA GLU A 59 -5.22 5.89 -20.29
C GLU A 59 -5.10 6.40 -18.84
N ILE A 60 -4.50 5.58 -17.97
CA ILE A 60 -4.11 5.96 -16.63
C ILE A 60 -2.61 5.94 -16.48
N ILE A 61 -2.06 6.90 -15.80
CA ILE A 61 -0.64 7.05 -15.71
C ILE A 61 -0.10 7.39 -14.34
N ASN A 62 0.98 6.76 -13.96
CA ASN A 62 1.60 7.11 -12.67
C ASN A 62 2.57 8.19 -13.01
N VAL A 63 2.31 9.41 -12.52
CA VAL A 63 3.17 10.57 -12.88
C VAL A 63 4.09 10.90 -11.72
N GLY A 64 4.27 9.94 -10.84
CA GLY A 64 5.32 10.06 -9.78
C GLY A 64 4.89 10.78 -8.51
N HIS A 65 4.19 11.90 -8.66
CA HIS A 65 3.57 12.62 -7.53
C HIS A 65 2.07 12.31 -7.33
N SER A 66 1.48 11.63 -8.31
CA SER A 66 0.07 11.45 -8.39
C SER A 66 -0.17 10.48 -9.52
N PHE A 67 -1.45 10.26 -9.85
CA PHE A 67 -1.77 9.50 -11.10
C PHE A 67 -2.84 10.27 -11.88
N HIS A 68 -2.84 10.17 -13.23
CA HIS A 68 -3.83 10.88 -13.99
C HIS A 68 -4.65 9.89 -14.84
N VAL A 69 -5.89 10.23 -15.09
CA VAL A 69 -6.74 9.46 -16.04
C VAL A 69 -6.99 10.44 -17.14
N ASN A 70 -6.45 10.18 -18.33
CA ASN A 70 -6.56 11.10 -19.47
C ASN A 70 -7.62 10.69 -20.44
N PHE A 71 -8.14 11.69 -21.14
CA PHE A 71 -9.24 11.42 -22.13
C PHE A 71 -8.78 11.89 -23.50
N GLU A 72 -9.25 11.26 -24.59
CA GLU A 72 -9.12 11.82 -25.89
C GLU A 72 -9.82 13.14 -25.96
N ASP A 73 -9.11 14.14 -26.46
CA ASP A 73 -9.64 15.49 -26.57
C ASP A 73 -9.55 16.11 -27.97
N ASN A 74 -9.76 15.30 -29.01
CA ASN A 74 -9.75 15.82 -30.37
C ASN A 74 -11.11 16.42 -30.78
N ASP A 75 -12.17 16.18 -30.03
CA ASP A 75 -13.42 16.80 -30.44
C ASP A 75 -14.29 17.03 -29.21
N ASN A 76 -15.58 17.33 -29.43
CA ASN A 76 -16.49 17.71 -28.36
C ASN A 76 -17.42 16.65 -27.86
N ARG A 77 -17.00 15.40 -27.97
CA ARG A 77 -17.72 14.31 -27.36
C ARG A 77 -17.91 14.51 -25.85
N SER A 78 -16.98 15.19 -25.16
CA SER A 78 -17.03 15.26 -23.71
C SER A 78 -16.79 16.68 -23.27
N VAL A 79 -17.84 17.31 -22.77
CA VAL A 79 -17.79 18.77 -22.57
C VAL A 79 -18.49 19.23 -21.27
N LEU A 80 -17.99 20.33 -20.76
CA LEU A 80 -18.52 21.12 -19.65
C LEU A 80 -19.05 22.44 -20.23
N LYS A 81 -20.26 22.81 -19.86
CA LYS A 81 -20.92 24.08 -20.26
C LYS A 81 -21.69 24.64 -19.04
N GLY A 82 -22.09 25.91 -19.10
CA GLY A 82 -22.92 26.53 -18.07
C GLY A 82 -22.07 27.24 -17.03
N GLY A 83 -22.62 27.34 -15.82
CA GLY A 83 -21.87 27.94 -14.70
C GLY A 83 -21.52 29.35 -15.07
N PRO A 84 -20.25 29.77 -14.88
CA PRO A 84 -19.85 31.13 -15.31
C PRO A 84 -19.44 31.17 -16.75
N PHE A 85 -19.65 30.11 -17.51
CA PHE A 85 -19.04 30.06 -18.85
C PHE A 85 -19.90 30.40 -20.04
N SER A 86 -19.33 31.09 -21.03
CA SER A 86 -20.02 31.24 -22.32
C SER A 86 -19.57 30.17 -23.25
N ASP A 87 -18.30 29.82 -23.09
CA ASP A 87 -17.63 28.89 -23.97
C ASP A 87 -17.94 27.46 -23.52
N SER A 88 -17.83 26.53 -24.44
CA SER A 88 -17.84 25.15 -24.06
C SER A 88 -16.37 24.67 -23.75
N TYR A 89 -16.18 23.88 -22.66
CA TYR A 89 -14.83 23.41 -22.29
C TYR A 89 -14.68 21.92 -22.47
N ARG A 90 -13.54 21.44 -23.00
CA ARG A 90 -13.44 20.04 -23.41
C ARG A 90 -12.72 19.26 -22.32
N LEU A 91 -13.31 18.15 -21.92
CA LEU A 91 -12.73 17.31 -20.81
C LEU A 91 -11.37 16.76 -21.26
N PHE A 92 -10.37 16.84 -20.41
CA PHE A 92 -9.11 16.14 -20.76
C PHE A 92 -8.54 15.17 -19.71
N GLN A 93 -8.90 15.34 -18.43
CA GLN A 93 -8.26 14.50 -17.38
C GLN A 93 -9.08 14.58 -16.14
N PHE A 94 -8.99 13.53 -15.29
CA PHE A 94 -9.29 13.77 -13.87
C PHE A 94 -8.19 13.14 -13.02
N HIS A 95 -7.96 13.66 -11.81
CA HIS A 95 -6.98 13.04 -10.89
C HIS A 95 -7.44 13.44 -9.41
N PHE A 96 -6.70 13.02 -8.39
CA PHE A 96 -7.11 13.19 -7.00
C PHE A 96 -5.93 13.86 -6.37
N HIS A 97 -6.19 14.52 -5.22
CA HIS A 97 -5.10 14.83 -4.27
C HIS A 97 -5.50 14.21 -2.96
N TRP A 98 -4.50 13.88 -2.16
CA TRP A 98 -4.77 13.24 -0.87
C TRP A 98 -3.68 13.64 0.09
N GLY A 99 -3.86 13.32 1.38
CA GLY A 99 -2.93 13.73 2.44
C GLY A 99 -2.37 12.51 3.17
N SER A 100 -1.46 12.75 4.14
CA SER A 100 -0.68 11.73 4.86
C SER A 100 -1.64 10.86 5.67
N THR A 101 -2.60 11.53 6.31
CA THR A 101 -3.61 10.82 7.10
C THR A 101 -4.98 11.35 6.70
N ASN A 102 -6.04 10.70 7.18
CA ASN A 102 -7.43 11.17 7.01
C ASN A 102 -7.72 12.63 7.37
N GLU A 103 -6.97 13.18 8.31
CA GLU A 103 -7.23 14.50 8.85
C GLU A 103 -7.10 15.70 7.83
N HIS A 104 -6.25 15.57 6.79
CA HIS A 104 -6.06 16.61 5.81
CA HIS A 104 -6.19 16.67 5.77
C HIS A 104 -6.02 15.84 4.48
N GLY A 105 -5.89 16.49 3.37
CA GLY A 105 -5.80 15.72 2.12
C GLY A 105 -6.41 16.47 0.98
N SER A 106 -7.51 17.19 1.26
CA SER A 106 -8.13 18.08 0.22
C SER A 106 -7.20 19.29 -0.01
N GLU A 107 -7.46 19.99 -1.11
CA GLU A 107 -6.62 21.14 -1.40
C GLU A 107 -7.46 22.33 -0.96
N HIS A 108 -8.66 22.48 -1.56
CA HIS A 108 -9.57 23.57 -1.08
C HIS A 108 -10.06 23.17 0.37
N THR A 109 -10.30 24.19 1.19
CA THR A 109 -10.99 24.03 2.52
C THR A 109 -12.25 24.91 2.53
N VAL A 110 -13.27 24.56 3.33
CA VAL A 110 -14.52 25.36 3.41
C VAL A 110 -14.66 25.80 4.89
N ASP A 111 -14.58 27.10 5.10
CA ASP A 111 -14.54 27.64 6.49
C ASP A 111 -13.50 27.00 7.38
N GLY A 112 -12.27 26.89 6.86
CA GLY A 112 -11.18 26.22 7.57
C GLY A 112 -11.27 24.69 7.68
N VAL A 113 -12.34 24.05 7.18
CA VAL A 113 -12.41 22.62 7.41
C VAL A 113 -11.66 21.88 6.28
N LYS A 114 -10.75 20.96 6.65
CA LYS A 114 -9.95 20.14 5.69
C LYS A 114 -10.67 18.82 5.48
N TYR A 115 -10.86 18.47 4.22
CA TYR A 115 -11.33 17.13 3.89
C TYR A 115 -10.21 16.12 3.64
N SER A 116 -10.57 14.85 3.38
CA SER A 116 -9.58 13.74 3.30
C SER A 116 -8.87 13.60 1.91
N ALA A 117 -9.55 14.11 0.87
CA ALA A 117 -9.04 14.02 -0.52
C ALA A 117 -9.85 15.03 -1.33
N GLU A 118 -9.47 15.20 -2.58
CA GLU A 118 -10.23 16.09 -3.51
C GLU A 118 -10.07 15.57 -4.91
N LEU A 119 -11.17 15.53 -5.66
CA LEU A 119 -11.19 15.10 -7.08
C LEU A 119 -11.18 16.38 -7.96
N HIS A 120 -10.32 16.42 -8.97
CA HIS A 120 -10.20 17.51 -9.99
C HIS A 120 -10.58 16.92 -11.33
N VAL A 121 -11.54 17.52 -11.99
CA VAL A 121 -11.98 17.05 -13.36
C VAL A 121 -11.59 18.30 -14.22
N ALA A 122 -10.62 18.16 -15.15
CA ALA A 122 -10.03 19.38 -15.81
C ALA A 122 -10.45 19.42 -17.30
N HIS A 123 -10.52 20.62 -17.88
CA HIS A 123 -11.18 20.80 -19.21
C HIS A 123 -10.48 21.98 -19.81
N TRP A 124 -10.45 22.11 -21.11
CA TRP A 124 -9.77 23.25 -21.72
C TRP A 124 -10.68 23.98 -22.69
N ASN A 125 -10.48 25.27 -22.85
CA ASN A 125 -11.45 26.10 -23.68
C ASN A 125 -11.19 25.85 -25.17
N SER A 126 -11.99 24.95 -25.75
CA SER A 126 -11.91 24.60 -27.14
C SER A 126 -12.69 25.57 -28.06
N ALA A 127 -13.47 26.47 -27.50
CA ALA A 127 -14.10 27.55 -28.33
C ALA A 127 -13.01 28.57 -28.74
N LYS A 128 -12.10 28.88 -27.84
CA LYS A 128 -11.19 29.92 -28.06
C LYS A 128 -9.81 29.39 -28.55
N TYR A 129 -9.37 28.19 -28.14
CA TYR A 129 -7.99 27.69 -28.37
C TYR A 129 -8.07 26.40 -29.08
N SER A 130 -6.99 26.02 -29.75
CA SER A 130 -7.03 24.79 -30.57
CA SER A 130 -7.01 24.82 -30.59
C SER A 130 -6.38 23.60 -29.86
N SER A 131 -5.71 23.82 -28.72
CA SER A 131 -5.13 22.62 -28.03
C SER A 131 -5.07 22.89 -26.52
N LEU A 132 -4.90 21.82 -25.72
CA LEU A 132 -4.54 21.97 -24.29
C LEU A 132 -3.26 22.84 -24.06
N ALA A 133 -2.19 22.55 -24.81
CA ALA A 133 -0.90 23.31 -24.73
C ALA A 133 -1.10 24.81 -24.92
N GLU A 134 -1.87 25.19 -25.92
CA GLU A 134 -2.25 26.63 -26.09
C GLU A 134 -3.08 27.22 -24.92
N ALA A 135 -4.18 26.57 -24.60
CA ALA A 135 -5.13 26.94 -23.53
C ALA A 135 -4.49 27.06 -22.09
N ALA A 136 -3.48 26.26 -21.80
CA ALA A 136 -3.11 26.00 -20.43
C ALA A 136 -2.50 27.24 -19.76
N SER A 137 -2.01 28.17 -20.56
CA SER A 137 -1.40 29.38 -19.98
C SER A 137 -2.34 30.62 -20.10
N LYS A 138 -3.53 30.48 -20.69
CA LYS A 138 -4.48 31.62 -20.96
C LYS A 138 -5.42 31.84 -19.75
N ALA A 139 -5.72 33.11 -19.45
CA ALA A 139 -6.53 33.46 -18.28
C ALA A 139 -7.83 32.67 -18.25
N ASP A 140 -8.49 32.53 -19.43
CA ASP A 140 -9.71 31.73 -19.60
C ASP A 140 -9.52 30.33 -20.21
N GLY A 141 -8.31 29.76 -20.09
CA GLY A 141 -8.01 28.54 -20.81
C GLY A 141 -8.52 27.24 -20.18
N LEU A 142 -8.49 27.16 -18.83
CA LEU A 142 -8.85 25.93 -18.10
C LEU A 142 -10.07 26.16 -17.21
N ALA A 143 -10.90 25.11 -17.11
CA ALA A 143 -12.05 24.98 -16.20
C ALA A 143 -11.87 23.64 -15.43
N VAL A 144 -11.72 23.73 -14.11
CA VAL A 144 -11.54 22.52 -13.27
C VAL A 144 -12.69 22.41 -12.21
N ILE A 145 -13.44 21.32 -12.19
CA ILE A 145 -14.40 21.06 -11.10
C ILE A 145 -13.63 20.44 -9.96
N GLY A 146 -13.71 20.96 -8.75
CA GLY A 146 -13.17 20.25 -7.60
C GLY A 146 -14.31 19.76 -6.72
N VAL A 147 -14.15 18.53 -6.21
CA VAL A 147 -15.15 17.89 -5.34
C VAL A 147 -14.42 17.38 -4.10
N LEU A 148 -14.90 17.84 -2.95
CA LEU A 148 -14.27 17.56 -1.66
C LEU A 148 -14.68 16.17 -1.30
N MET A 149 -13.72 15.39 -0.77
CA MET A 149 -13.96 14.00 -0.41
C MET A 149 -13.88 13.76 1.06
N LYS A 150 -15.00 13.30 1.62
CA LYS A 150 -15.10 13.24 3.12
C LYS A 150 -14.94 11.76 3.49
N VAL A 151 -14.02 11.49 4.38
CA VAL A 151 -13.82 10.06 4.78
C VAL A 151 -15.12 9.54 5.44
N GLY A 152 -15.58 8.35 5.08
CA GLY A 152 -16.74 7.69 5.65
C GLY A 152 -16.89 6.38 4.88
N GLU A 153 -18.05 6.17 4.31
CA GLU A 153 -18.38 4.93 3.62
C GLU A 153 -17.56 4.76 2.33
N ALA A 154 -17.25 3.53 1.97
CA ALA A 154 -16.56 3.16 0.72
C ALA A 154 -17.40 3.69 -0.40
N ASN A 155 -16.76 4.32 -1.39
CA ASN A 155 -17.47 4.89 -2.51
C ASN A 155 -17.47 3.90 -3.69
N PRO A 156 -18.57 3.18 -3.99
CA PRO A 156 -18.34 2.24 -5.13
C PRO A 156 -17.96 2.82 -6.51
N LYS A 157 -18.26 4.08 -6.78
CA LYS A 157 -18.02 4.67 -8.10
C LYS A 157 -16.52 4.84 -8.26
N LEU A 158 -15.77 4.86 -7.18
CA LEU A 158 -14.33 4.83 -7.28
C LEU A 158 -13.72 3.53 -7.75
N GLN A 159 -14.56 2.49 -7.96
CA GLN A 159 -14.06 1.14 -8.07
C GLN A 159 -13.19 0.90 -9.27
N LYS A 160 -13.65 1.21 -10.50
CA LYS A 160 -12.87 0.94 -11.72
C LYS A 160 -11.50 1.64 -11.61
N VAL A 161 -11.51 2.84 -11.00
CA VAL A 161 -10.26 3.62 -10.82
C VAL A 161 -9.29 2.93 -9.89
N LEU A 162 -9.78 2.66 -8.67
CA LEU A 162 -9.00 1.83 -7.72
C LEU A 162 -8.47 0.49 -8.26
N ASP A 163 -9.28 -0.29 -8.99
CA ASP A 163 -8.88 -1.59 -9.50
C ASP A 163 -7.78 -1.42 -10.52
N ALA A 164 -7.65 -0.24 -11.15
CA ALA A 164 -6.69 -0.03 -12.23
C ALA A 164 -5.29 0.24 -11.66
N LEU A 165 -5.20 0.70 -10.41
CA LEU A 165 -3.92 1.14 -9.90
C LEU A 165 -2.86 0.01 -9.75
N GLN A 166 -3.27 -1.27 -9.55
CA GLN A 166 -2.26 -2.34 -9.40
C GLN A 166 -1.45 -2.51 -10.71
N ALA A 167 -1.90 -1.93 -11.84
CA ALA A 167 -1.13 -1.98 -13.12
C ALA A 167 -0.23 -0.82 -13.34
N ILE A 168 -0.22 0.14 -12.40
CA ILE A 168 0.56 1.36 -12.65
C ILE A 168 1.15 1.73 -11.34
N LYS A 169 1.72 0.72 -10.66
CA LYS A 169 2.23 0.93 -9.31
C LYS A 169 3.39 1.87 -9.15
N THR A 170 4.27 1.99 -10.17
CA THR A 170 5.54 2.73 -10.04
C THR A 170 5.57 3.84 -11.14
N LYS A 171 6.41 4.83 -10.90
CA LYS A 171 6.51 6.05 -11.66
C LYS A 171 6.71 5.79 -13.16
N GLY A 172 5.88 6.38 -14.01
CA GLY A 172 5.97 6.15 -15.48
C GLY A 172 5.17 5.02 -16.00
N LYS A 173 4.74 4.12 -15.15
CA LYS A 173 3.84 3.05 -15.68
C LYS A 173 2.52 3.63 -16.23
N ARG A 174 1.90 3.05 -17.27
CA ARG A 174 0.68 3.59 -17.79
C ARG A 174 -0.06 2.45 -18.39
N ALA A 175 -1.39 2.55 -18.51
CA ALA A 175 -2.20 1.43 -19.02
C ALA A 175 -3.43 2.00 -19.63
N PRO A 176 -4.01 1.30 -20.65
CA PRO A 176 -5.33 1.71 -21.14
C PRO A 176 -6.35 1.79 -20.00
N PHE A 177 -7.29 2.72 -20.12
CA PHE A 177 -8.39 2.90 -19.15
C PHE A 177 -9.53 3.42 -19.94
N THR A 178 -10.49 2.57 -20.24
CA THR A 178 -11.44 2.93 -21.25
C THR A 178 -12.88 2.75 -20.72
N ASN A 179 -13.79 3.32 -21.50
CA ASN A 179 -15.22 3.18 -21.32
C ASN A 179 -15.58 3.65 -19.90
N PHE A 180 -15.23 4.88 -19.56
CA PHE A 180 -15.49 5.37 -18.21
C PHE A 180 -15.99 6.83 -18.31
N ASP A 181 -17.14 7.07 -17.64
CA ASP A 181 -17.77 8.41 -17.62
C ASP A 181 -17.52 9.01 -16.26
N PRO A 182 -16.60 10.03 -16.17
CA PRO A 182 -16.33 10.52 -14.82
C PRO A 182 -17.43 11.46 -14.23
N SER A 183 -18.49 11.82 -14.96
CA SER A 183 -19.69 12.46 -14.28
C SER A 183 -20.33 11.51 -13.21
N THR A 184 -20.16 10.20 -13.32
CA THR A 184 -20.57 9.27 -12.24
C THR A 184 -19.90 9.50 -10.88
N LEU A 185 -18.79 10.22 -10.87
CA LEU A 185 -18.09 10.52 -9.61
C LEU A 185 -18.53 11.83 -8.94
N LEU A 186 -19.29 12.63 -9.67
CA LEU A 186 -19.72 13.95 -9.20
C LEU A 186 -20.86 13.74 -8.13
N PRO A 187 -21.02 14.68 -7.16
CA PRO A 187 -22.10 14.59 -6.14
C PRO A 187 -23.48 14.86 -6.83
N SER A 188 -24.60 14.42 -6.25
CA SER A 188 -25.92 14.57 -6.99
C SER A 188 -26.37 16.07 -7.23
N SER A 189 -26.02 16.99 -6.32
CA SER A 189 -26.21 18.40 -6.51
C SER A 189 -24.91 18.98 -7.08
N LEU A 190 -25.04 19.76 -8.14
CA LEU A 190 -23.94 20.54 -8.68
C LEU A 190 -23.96 22.04 -8.28
N ASP A 191 -24.57 22.38 -7.13
CA ASP A 191 -24.40 23.73 -6.60
C ASP A 191 -22.93 23.96 -6.39
N PHE A 192 -22.44 25.16 -6.64
CA PHE A 192 -20.99 25.38 -6.65
C PHE A 192 -20.55 26.73 -6.17
N TRP A 193 -19.29 26.84 -5.82
CA TRP A 193 -18.56 28.08 -5.71
C TRP A 193 -17.68 28.25 -6.97
N THR A 194 -17.47 29.48 -7.41
CA THR A 194 -16.48 29.74 -8.48
C THR A 194 -15.55 30.91 -8.15
N TYR A 195 -14.28 30.77 -8.50
CA TYR A 195 -13.34 31.87 -8.39
C TYR A 195 -12.23 31.70 -9.46
N PRO A 196 -11.55 32.79 -9.79
CA PRO A 196 -10.42 32.70 -10.72
C PRO A 196 -9.12 32.32 -10.04
N GLY A 197 -8.46 31.25 -10.50
CA GLY A 197 -7.26 30.86 -9.82
C GLY A 197 -6.29 30.19 -10.75
N SER A 198 -5.68 29.11 -10.25
CA SER A 198 -4.49 28.55 -10.89
C SER A 198 -4.47 27.03 -10.88
N LEU A 199 -3.49 26.45 -11.60
CA LEU A 199 -3.08 25.03 -11.38
C LEU A 199 -2.53 25.00 -9.96
N THR A 200 -2.81 23.94 -9.22
CA THR A 200 -2.29 23.84 -7.86
C THR A 200 -0.90 23.19 -7.70
N HIS A 201 -0.20 22.85 -8.82
CA HIS A 201 1.20 22.46 -8.75
C HIS A 201 1.92 23.06 -9.99
N PRO A 202 3.27 23.12 -9.98
CA PRO A 202 4.02 23.64 -11.19
C PRO A 202 3.45 23.06 -12.48
N PRO A 203 3.34 23.86 -13.52
CA PRO A 203 3.82 25.27 -13.55
C PRO A 203 2.94 26.37 -12.94
N LEU A 204 1.80 26.06 -12.29
CA LEU A 204 1.09 27.06 -11.45
C LEU A 204 0.44 28.20 -12.22
N TYR A 205 0.13 27.96 -13.51
CA TYR A 205 -0.42 28.96 -14.41
C TYR A 205 -1.75 29.46 -13.84
N GLU A 206 -1.96 30.77 -13.89
CA GLU A 206 -3.18 31.39 -13.45
C GLU A 206 -4.24 31.39 -14.53
N SER A 207 -4.63 30.19 -14.93
CA SER A 207 -5.42 29.93 -16.15
C SER A 207 -6.71 29.20 -15.82
N VAL A 208 -6.94 28.97 -14.53
CA VAL A 208 -8.07 28.14 -14.09
C VAL A 208 -9.27 28.88 -13.49
N THR A 209 -10.46 28.60 -14.06
CA THR A 209 -11.70 28.92 -13.44
C THR A 209 -12.13 27.72 -12.62
N TRP A 210 -12.10 27.93 -11.33
CA TRP A 210 -12.51 26.83 -10.43
C TRP A 210 -14.00 26.74 -10.25
N ILE A 211 -14.52 25.52 -10.17
CA ILE A 211 -15.89 25.21 -9.88
C ILE A 211 -15.88 24.20 -8.75
N ILE A 212 -16.09 24.65 -7.49
CA ILE A 212 -16.02 23.80 -6.34
C ILE A 212 -17.43 23.40 -5.92
N CYS A 213 -17.74 22.10 -5.90
CA CYS A 213 -19.04 21.62 -5.51
C CYS A 213 -19.29 21.85 -4.02
N LYS A 214 -20.53 22.27 -3.66
CA LYS A 214 -20.90 22.44 -2.23
C LYS A 214 -21.01 21.07 -1.50
N GLU A 215 -21.50 20.02 -2.20
CA GLU A 215 -21.77 18.72 -1.64
C GLU A 215 -20.47 17.89 -1.78
N SER A 216 -20.06 17.25 -0.70
CA SER A 216 -18.91 16.31 -0.73
C SER A 216 -19.30 14.96 -1.36
N ILE A 217 -18.30 14.08 -1.63
CA ILE A 217 -18.58 12.68 -1.98
C ILE A 217 -17.81 11.88 -0.94
N SER A 218 -18.13 10.58 -0.81
CA SER A 218 -17.46 9.83 0.26
C SER A 218 -16.22 9.12 -0.31
N VAL A 219 -15.39 8.71 0.63
CA VAL A 219 -14.32 7.83 0.34
C VAL A 219 -13.98 7.09 1.68
N SER A 220 -13.69 5.76 1.65
CA SER A 220 -13.32 5.05 2.93
C SER A 220 -11.90 5.20 3.32
N SER A 221 -11.60 5.00 4.59
CA SER A 221 -10.20 5.05 5.01
CA SER A 221 -10.21 4.97 5.04
C SER A 221 -9.31 4.03 4.20
N GLU A 222 -9.87 2.89 3.78
CA GLU A 222 -9.11 1.86 3.05
C GLU A 222 -9.01 2.30 1.57
N GLN A 223 -10.03 2.98 1.01
CA GLN A 223 -9.80 3.61 -0.32
C GLN A 223 -8.65 4.63 -0.37
N LEU A 224 -8.56 5.52 0.62
CA LEU A 224 -7.47 6.43 0.74
C LEU A 224 -6.13 5.65 0.83
N ALA A 225 -6.12 4.55 1.60
CA ALA A 225 -4.86 3.80 1.66
C ALA A 225 -4.38 3.32 0.26
N GLN A 226 -5.25 2.92 -0.66
CA GLN A 226 -4.85 2.54 -1.98
C GLN A 226 -4.15 3.67 -2.72
N PHE A 227 -4.68 4.90 -2.68
CA PHE A 227 -3.91 6.02 -3.20
C PHE A 227 -2.53 6.06 -2.61
N ARG A 228 -2.44 6.03 -1.28
CA ARG A 228 -1.13 6.22 -0.63
C ARG A 228 -0.21 5.00 -0.80
N SER A 229 -0.74 3.88 -1.32
CA SER A 229 0.18 2.76 -1.55
C SER A 229 0.76 2.78 -3.02
N LEU A 230 0.31 3.73 -3.87
CA LEU A 230 1.02 4.00 -5.16
C LEU A 230 2.50 4.45 -4.83
N LEU A 231 3.44 4.16 -5.73
CA LEU A 231 4.84 4.42 -5.44
C LEU A 231 5.35 5.53 -6.37
N SER A 232 6.17 6.41 -5.82
CA SER A 232 6.73 7.52 -6.62
C SER A 232 8.11 7.19 -7.30
N ASN A 233 8.74 6.09 -6.92
CA ASN A 233 10.05 5.62 -7.44
C ASN A 233 9.72 4.76 -8.69
N VAL A 234 10.72 4.59 -9.58
CA VAL A 234 10.57 3.76 -10.77
C VAL A 234 10.76 2.30 -10.39
N GLU A 235 10.22 1.41 -11.20
CA GLU A 235 10.30 -0.02 -10.89
C GLU A 235 11.73 -0.47 -10.60
N GLY A 236 11.92 -1.23 -9.51
CA GLY A 236 13.24 -1.79 -9.23
C GLY A 236 14.01 -0.97 -8.22
N ASP A 237 13.65 0.28 -8.00
CA ASP A 237 14.26 1.11 -6.87
C ASP A 237 13.57 0.85 -5.53
N ASN A 238 14.17 1.34 -4.43
CA ASN A 238 13.50 1.13 -3.14
CA ASN A 238 13.60 1.32 -3.08
C ASN A 238 12.14 1.83 -3.15
N ALA A 239 11.15 1.14 -2.55
CA ALA A 239 9.71 1.63 -2.64
C ALA A 239 9.49 2.97 -1.90
N VAL A 240 8.97 4.04 -2.55
CA VAL A 240 8.69 5.34 -1.84
C VAL A 240 7.17 5.61 -2.06
N PRO A 241 6.36 5.27 -1.05
CA PRO A 241 4.90 5.49 -1.07
C PRO A 241 4.57 6.96 -1.37
N MET A 242 3.55 7.16 -2.19
CA MET A 242 3.01 8.50 -2.51
C MET A 242 2.10 8.94 -1.34
N GLN A 243 2.69 9.42 -0.25
CA GLN A 243 1.96 9.69 0.98
C GLN A 243 0.99 10.84 0.88
N HIS A 244 1.40 11.92 0.21
CA HIS A 244 0.50 13.12 0.04
C HIS A 244 0.85 13.95 -1.23
N ASN A 245 -0.13 14.73 -1.72
CA ASN A 245 0.14 15.60 -2.84
C ASN A 245 -0.81 16.83 -2.83
N ASN A 246 -1.12 17.32 -1.63
CA ASN A 246 -1.99 18.53 -1.49
C ASN A 246 -1.24 19.81 -1.19
N ARG A 247 -1.52 20.87 -1.91
CA ARG A 247 -0.90 22.14 -1.62
C ARG A 247 -1.71 22.85 -0.53
N PRO A 248 -1.05 23.55 0.40
CA PRO A 248 -1.73 24.46 1.36
C PRO A 248 -2.54 25.56 0.64
N THR A 249 -3.66 26.01 1.27
CA THR A 249 -4.48 27.13 0.75
C THR A 249 -3.65 28.42 0.66
N GLN A 250 -3.98 29.27 -0.32
CA GLN A 250 -3.18 30.43 -0.69
C GLN A 250 -4.03 31.70 -0.46
N PRO A 251 -3.40 32.86 -0.25
CA PRO A 251 -4.17 34.10 -0.07
C PRO A 251 -5.15 34.48 -1.19
N LEU A 252 -6.42 34.79 -0.87
CA LEU A 252 -7.34 35.33 -1.88
C LEU A 252 -6.85 36.61 -2.60
N LYS A 253 -6.07 37.43 -1.91
CA LYS A 253 -5.58 38.68 -2.55
C LYS A 253 -6.73 39.42 -3.22
N GLY A 254 -7.87 39.46 -2.54
CA GLY A 254 -9.04 40.29 -2.90
C GLY A 254 -9.88 39.75 -4.01
N ARG A 255 -9.63 38.50 -4.43
CA ARG A 255 -10.56 37.91 -5.39
C ARG A 255 -11.84 37.60 -4.64
N THR A 256 -12.93 37.47 -5.37
CA THR A 256 -14.20 37.18 -4.74
C THR A 256 -14.63 35.77 -5.13
N VAL A 257 -14.97 34.97 -4.12
CA VAL A 257 -15.62 33.71 -4.40
C VAL A 257 -17.14 33.83 -4.58
N ARG A 258 -17.66 33.41 -5.72
CA ARG A 258 -19.09 33.54 -6.01
C ARG A 258 -19.80 32.29 -5.73
N ALA A 259 -21.09 32.35 -5.37
CA ALA A 259 -21.90 31.13 -5.04
C ALA A 259 -23.03 30.96 -6.01
N SER A 260 -23.27 29.78 -6.54
CA SER A 260 -24.44 29.65 -7.40
C SER A 260 -25.80 29.41 -6.63
N PHE A 261 -25.74 29.49 -5.30
CA PHE A 261 -26.82 28.93 -4.44
C PHE A 261 -26.86 29.85 -3.22
N ASP B 5 -0.91 -4.69 22.93
CA ASP B 5 -0.08 -5.20 24.05
C ASP B 5 1.35 -5.55 23.60
N TRP B 6 1.52 -6.11 22.41
CA TRP B 6 2.82 -6.28 21.77
C TRP B 6 2.75 -5.99 20.30
N GLY B 7 3.77 -5.37 19.76
CA GLY B 7 3.83 -5.09 18.32
C GLY B 7 5.29 -5.01 17.92
N TYR B 8 5.61 -4.12 16.97
CA TYR B 8 6.97 -3.96 16.49
C TYR B 8 7.43 -2.48 16.59
N ASP B 9 6.59 -1.63 17.21
CA ASP B 9 6.92 -0.17 17.43
C ASP B 9 7.94 0.02 18.53
N ASP B 10 8.35 1.28 18.80
CA ASP B 10 9.22 1.52 19.94
C ASP B 10 8.46 1.21 21.25
N LYS B 11 7.19 1.64 21.35
CA LYS B 11 6.38 1.45 22.58
C LYS B 11 6.19 -0.01 22.97
N ASN B 12 5.99 -0.90 21.99
CA ASN B 12 5.63 -2.30 22.34
C ASN B 12 6.47 -3.39 21.61
N GLY B 13 7.60 -2.98 21.05
CA GLY B 13 8.39 -3.83 20.20
C GLY B 13 9.38 -4.77 20.88
N PRO B 14 10.23 -5.45 20.09
CA PRO B 14 11.06 -6.54 20.61
C PRO B 14 11.92 -6.14 21.78
N GLU B 15 12.38 -4.89 21.89
CA GLU B 15 13.12 -4.52 23.11
C GLU B 15 12.25 -4.58 24.39
N GLN B 16 10.95 -4.34 24.24
CA GLN B 16 9.98 -4.30 25.35
C GLN B 16 9.34 -5.63 25.69
N TRP B 17 9.39 -6.62 24.78
CA TRP B 17 8.65 -7.85 24.99
C TRP B 17 8.90 -8.62 26.32
N SER B 18 10.14 -8.63 26.81
CA SER B 18 10.41 -9.37 28.05
C SER B 18 9.52 -8.90 29.27
N LYS B 19 8.96 -7.67 29.22
CA LYS B 19 8.08 -7.20 30.33
C LYS B 19 6.84 -8.09 30.46
N LEU B 20 6.19 -8.31 29.31
CA LEU B 20 5.07 -9.22 29.24
C LEU B 20 5.44 -10.70 29.09
N TYR B 21 6.57 -11.01 28.42
CA TYR B 21 6.91 -12.39 28.13
C TYR B 21 8.36 -12.56 28.54
N PRO B 22 8.61 -12.94 29.82
CA PRO B 22 10.04 -12.91 30.26
C PRO B 22 10.89 -13.95 29.55
N ILE B 23 10.25 -14.95 28.93
CA ILE B 23 10.98 -15.94 28.13
C ILE B 23 11.79 -15.32 26.97
N ALA B 24 11.50 -14.05 26.64
CA ALA B 24 12.16 -13.30 25.56
C ALA B 24 13.66 -13.18 25.82
N ASN B 25 14.05 -13.20 27.12
CA ASN B 25 15.43 -13.30 27.50
C ASN B 25 15.86 -14.73 27.83
N GLY B 26 15.27 -15.77 27.26
CA GLY B 26 15.64 -17.16 27.57
C GLY B 26 16.90 -17.69 26.89
N ASN B 27 17.18 -18.98 27.02
CA ASN B 27 18.38 -19.60 26.50
C ASN B 27 18.24 -20.19 25.06
N ASN B 28 17.01 -20.30 24.58
CA ASN B 28 16.72 -20.92 23.28
C ASN B 28 15.86 -19.97 22.39
N GLN B 29 16.21 -18.68 22.36
CA GLN B 29 15.43 -17.67 21.63
C GLN B 29 15.80 -17.52 20.13
N SER B 30 14.83 -17.13 19.27
CA SER B 30 15.10 -17.06 17.84
C SER B 30 14.66 -15.73 17.39
N PRO B 31 15.12 -15.26 16.23
CA PRO B 31 16.06 -15.90 15.33
C PRO B 31 17.53 -15.77 15.83
N VAL B 32 18.47 -16.41 15.12
CA VAL B 32 19.92 -16.29 15.44
C VAL B 32 20.70 -15.92 14.19
N ASP B 33 21.89 -15.33 14.36
CA ASP B 33 22.89 -15.35 13.31
C ASP B 33 23.50 -16.74 13.14
N ILE B 34 23.54 -17.25 11.93
CA ILE B 34 24.27 -18.48 11.70
C ILE B 34 25.70 -18.14 11.22
N LYS B 35 26.71 -18.43 12.05
CA LYS B 35 28.13 -18.18 11.69
C LYS B 35 28.61 -19.43 11.04
N THR B 36 28.83 -19.39 9.74
CA THR B 36 29.11 -20.67 9.00
C THR B 36 30.46 -21.28 9.45
N SER B 37 31.39 -20.48 9.96
CA SER B 37 32.64 -21.09 10.43
C SER B 37 32.48 -21.87 11.76
N GLU B 38 31.41 -21.63 12.54
CA GLU B 38 31.11 -22.40 13.75
C GLU B 38 30.05 -23.53 13.54
N THR B 39 29.50 -23.70 12.34
CA THR B 39 28.51 -24.81 12.22
C THR B 39 29.22 -26.14 12.23
N LYS B 40 28.53 -27.17 12.70
CA LYS B 40 29.07 -28.53 12.81
C LYS B 40 28.26 -29.45 11.86
N HIS B 41 28.94 -30.21 11.02
CA HIS B 41 28.22 -31.21 10.20
C HIS B 41 27.81 -32.43 11.04
N ASP B 42 26.55 -32.83 10.94
CA ASP B 42 26.05 -33.93 11.74
C ASP B 42 25.53 -34.96 10.77
N THR B 43 26.18 -36.14 10.80
CA THR B 43 25.94 -37.20 9.82
C THR B 43 24.61 -37.84 10.06
N SER B 44 24.01 -37.60 11.23
CA SER B 44 22.66 -38.18 11.53
C SER B 44 21.49 -37.37 10.92
N LEU B 45 21.76 -36.20 10.35
CA LEU B 45 20.72 -35.34 9.69
C LEU B 45 20.32 -35.93 8.33
N LYS B 46 19.12 -36.52 8.23
CA LYS B 46 18.66 -37.05 6.93
C LYS B 46 18.24 -35.90 6.00
N PRO B 47 18.07 -36.14 4.68
CA PRO B 47 17.43 -35.01 3.97
C PRO B 47 15.97 -34.66 4.48
N ILE B 48 15.53 -33.40 4.29
CA ILE B 48 14.17 -32.94 4.65
C ILE B 48 13.29 -33.50 3.54
N SER B 49 12.17 -34.11 3.81
CA SER B 49 11.18 -34.27 2.70
C SER B 49 9.82 -33.71 3.13
N VAL B 50 9.23 -32.93 2.25
CA VAL B 50 7.92 -32.37 2.51
C VAL B 50 6.96 -32.98 1.49
N SER B 51 5.82 -33.50 1.93
CA SER B 51 4.73 -33.79 0.99
CA SER B 51 4.71 -33.89 1.04
C SER B 51 3.46 -33.13 1.50
N TYR B 52 3.11 -32.09 0.81
CA TYR B 52 1.96 -31.37 1.18
C TYR B 52 0.89 -31.62 0.13
N ASN B 53 -0.32 -31.62 0.61
CA ASN B 53 -1.51 -31.85 -0.17
C ASN B 53 -2.17 -30.48 -0.42
N PRO B 54 -2.23 -30.02 -1.66
CA PRO B 54 -2.74 -28.66 -1.84
C PRO B 54 -4.20 -28.52 -1.45
N ALA B 55 -4.93 -29.65 -1.24
CA ALA B 55 -6.29 -29.56 -0.67
C ALA B 55 -6.33 -29.15 0.83
N THR B 56 -5.19 -29.02 1.51
CA THR B 56 -5.28 -28.65 2.92
C THR B 56 -5.23 -27.12 3.12
N ALA B 57 -4.82 -26.37 2.10
CA ALA B 57 -4.85 -24.98 2.19
C ALA B 57 -6.28 -24.54 2.60
N LYS B 58 -6.40 -23.59 3.52
CA LYS B 58 -7.68 -23.21 4.04
C LYS B 58 -8.05 -21.72 4.03
N GLU B 59 -7.27 -20.90 4.71
CA GLU B 59 -7.67 -19.57 4.89
C GLU B 59 -6.49 -18.62 4.99
N ILE B 60 -6.63 -17.41 4.44
CA ILE B 60 -5.69 -16.32 4.67
C ILE B 60 -6.28 -15.25 5.62
N ILE B 61 -5.45 -14.70 6.53
CA ILE B 61 -5.96 -13.80 7.53
C ILE B 61 -4.95 -12.73 7.95
N ASN B 62 -5.45 -11.49 8.07
CA ASN B 62 -4.62 -10.38 8.46
C ASN B 62 -4.66 -10.42 10.01
N VAL B 63 -3.49 -10.66 10.64
CA VAL B 63 -3.40 -10.76 12.09
C VAL B 63 -2.82 -9.51 12.72
N GLY B 64 -2.84 -8.39 12.03
CA GLY B 64 -2.53 -7.11 12.72
C GLY B 64 -1.08 -6.75 12.55
N HIS B 65 -0.19 -7.67 12.91
CA HIS B 65 1.23 -7.47 12.70
C HIS B 65 1.79 -8.19 11.44
N SER B 66 0.99 -9.06 10.77
CA SER B 66 1.45 -9.87 9.69
C SER B 66 0.20 -10.46 9.04
N PHE B 67 0.40 -11.41 8.14
CA PHE B 67 -0.78 -12.15 7.61
C PHE B 67 -0.38 -13.60 7.65
N HIS B 68 -1.35 -14.51 7.90
CA HIS B 68 -1.01 -15.93 7.98
C HIS B 68 -1.80 -16.64 6.89
N VAL B 69 -1.22 -17.69 6.31
CA VAL B 69 -2.01 -18.61 5.37
C VAL B 69 -2.10 -19.91 6.17
N ASN B 70 -3.32 -20.30 6.60
CA ASN B 70 -3.54 -21.46 7.40
C ASN B 70 -4.05 -22.71 6.67
N PHE B 71 -3.68 -23.85 7.25
CA PHE B 71 -4.00 -25.17 6.58
C PHE B 71 -4.87 -26.01 7.49
N GLU B 72 -5.74 -26.86 6.93
CA GLU B 72 -6.49 -27.74 7.79
C GLU B 72 -5.51 -28.73 8.40
N ASP B 73 -5.55 -28.97 9.69
CA ASP B 73 -4.50 -29.84 10.32
C ASP B 73 -5.14 -30.95 11.14
N ASN B 74 -6.29 -31.42 10.65
CA ASN B 74 -7.07 -32.43 11.36
C ASN B 74 -6.44 -33.83 11.14
N ASP B 75 -5.72 -33.99 10.04
CA ASP B 75 -4.99 -35.22 9.81
C ASP B 75 -3.53 -34.96 9.31
N ASN B 76 -2.87 -36.05 8.91
CA ASN B 76 -1.54 -35.99 8.36
C ASN B 76 -1.44 -36.02 6.89
N ARG B 77 -2.36 -35.45 6.14
CA ARG B 77 -2.17 -35.30 4.68
C ARG B 77 -0.99 -34.44 4.21
N SER B 78 -0.59 -33.47 5.03
CA SER B 78 0.51 -32.55 4.69
C SER B 78 1.52 -32.62 5.79
N VAL B 79 2.70 -33.24 5.53
CA VAL B 79 3.66 -33.52 6.60
C VAL B 79 5.09 -33.13 6.17
N LEU B 80 5.87 -32.77 7.20
CA LEU B 80 7.33 -32.64 7.10
C LEU B 80 7.92 -33.87 7.85
N LYS B 81 8.91 -34.51 7.24
CA LYS B 81 9.72 -35.55 7.93
C LYS B 81 11.20 -35.47 7.54
N GLY B 82 12.06 -36.25 8.23
CA GLY B 82 13.49 -36.35 7.83
C GLY B 82 14.25 -35.28 8.56
N GLY B 83 15.43 -34.85 8.06
CA GLY B 83 16.20 -33.87 8.86
C GLY B 83 16.56 -34.46 10.18
N PRO B 84 16.40 -33.70 11.25
CA PRO B 84 16.70 -34.14 12.62
C PRO B 84 15.55 -34.89 13.27
N PHE B 85 14.46 -35.21 12.55
CA PHE B 85 13.22 -35.65 13.23
C PHE B 85 13.07 -37.17 13.06
N SER B 86 12.66 -37.90 14.08
CA SER B 86 12.10 -39.24 13.71
C SER B 86 10.58 -39.22 13.53
N ASP B 87 9.91 -38.24 14.15
CA ASP B 87 8.45 -38.04 14.06
C ASP B 87 8.09 -37.33 12.73
N SER B 88 6.89 -37.56 12.21
CA SER B 88 6.31 -36.64 11.20
C SER B 88 5.67 -35.38 11.90
N TYR B 89 5.81 -34.21 11.24
CA TYR B 89 5.17 -32.96 11.70
C TYR B 89 4.14 -32.48 10.68
N ARG B 90 3.01 -32.07 11.20
CA ARG B 90 1.84 -31.74 10.35
C ARG B 90 1.89 -30.24 10.02
N LEU B 91 1.83 -29.94 8.75
CA LEU B 91 1.81 -28.56 8.27
C LEU B 91 0.57 -27.82 8.86
N PHE B 92 0.78 -26.60 9.32
CA PHE B 92 -0.42 -25.81 9.77
C PHE B 92 -0.52 -24.36 9.21
N GLN B 93 0.63 -23.79 8.87
CA GLN B 93 0.66 -22.36 8.46
C GLN B 93 1.91 -22.05 7.64
N PHE B 94 1.83 -21.03 6.79
CA PHE B 94 3.07 -20.29 6.41
C PHE B 94 2.84 -18.79 6.50
N HIS B 95 3.89 -18.01 6.76
CA HIS B 95 3.72 -16.55 6.79
C HIS B 95 5.17 -16.00 6.44
N PHE B 96 5.33 -14.66 6.38
CA PHE B 96 6.55 -13.97 5.96
C PHE B 96 6.86 -12.99 7.10
N HIS B 97 8.11 -12.58 7.12
CA HIS B 97 8.58 -11.38 7.88
C HIS B 97 9.25 -10.50 6.86
N TRP B 98 9.12 -9.20 7.04
CA TRP B 98 9.78 -8.23 6.20
C TRP B 98 10.26 -7.05 7.01
N GLY B 99 10.97 -6.14 6.38
CA GLY B 99 11.62 -4.98 7.10
C GLY B 99 11.14 -3.64 6.46
N SER B 100 11.51 -2.53 7.07
CA SER B 100 11.12 -1.19 6.66
C SER B 100 11.73 -0.88 5.33
N THR B 101 12.94 -1.32 5.15
CA THR B 101 13.61 -1.16 3.83
C THR B 101 13.89 -2.51 3.15
N ASN B 102 14.36 -2.49 1.88
CA ASN B 102 14.88 -3.73 1.28
C ASN B 102 16.18 -4.28 1.92
N GLU B 103 16.87 -3.49 2.72
CA GLU B 103 18.21 -3.82 3.29
C GLU B 103 18.16 -4.81 4.40
N HIS B 104 17.00 -4.99 5.02
CA HIS B 104 16.99 -5.69 6.26
C HIS B 104 15.57 -6.02 6.66
N GLY B 105 15.13 -7.23 6.33
CA GLY B 105 13.81 -7.68 6.67
C GLY B 105 13.69 -9.13 7.04
N SER B 106 14.81 -9.87 6.91
CA SER B 106 14.76 -11.30 7.35
C SER B 106 14.91 -11.29 8.84
N GLU B 107 14.69 -12.46 9.45
CA GLU B 107 14.89 -12.67 10.85
C GLU B 107 16.25 -13.33 11.09
N HIS B 108 16.50 -14.51 10.52
CA HIS B 108 17.78 -15.17 10.66
C HIS B 108 18.74 -14.38 9.73
N THR B 109 20.04 -14.36 10.14
CA THR B 109 21.07 -13.77 9.30
C THR B 109 22.09 -14.84 9.11
N VAL B 110 22.94 -14.69 8.07
CA VAL B 110 24.00 -15.66 7.81
C VAL B 110 25.33 -14.92 7.73
N ASP B 111 26.21 -15.27 8.67
CA ASP B 111 27.51 -14.56 8.78
C ASP B 111 27.29 -13.04 8.92
N GLY B 112 26.26 -12.63 9.68
CA GLY B 112 25.90 -11.21 9.80
C GLY B 112 25.14 -10.56 8.67
N VAL B 113 24.90 -11.27 7.57
CA VAL B 113 24.23 -10.68 6.41
C VAL B 113 22.70 -10.82 6.59
N LYS B 114 21.99 -9.70 6.53
CA LYS B 114 20.52 -9.66 6.64
C LYS B 114 19.97 -9.68 5.25
N TYR B 115 18.94 -10.50 5.02
CA TYR B 115 18.28 -10.54 3.71
C TYR B 115 17.04 -9.66 3.72
N SER B 116 16.30 -9.63 2.63
CA SER B 116 15.17 -8.71 2.47
C SER B 116 13.88 -9.10 3.17
N ALA B 117 13.62 -10.42 3.25
CA ALA B 117 12.40 -10.96 3.87
C ALA B 117 12.78 -12.40 4.25
N GLU B 118 11.82 -13.10 4.92
CA GLU B 118 11.96 -14.53 5.29
C GLU B 118 10.62 -15.19 5.24
N LEU B 119 10.53 -16.42 4.73
CA LEU B 119 9.29 -17.23 4.74
C LEU B 119 9.45 -18.23 5.86
N HIS B 120 8.41 -18.45 6.64
CA HIS B 120 8.34 -19.47 7.70
C HIS B 120 7.25 -20.44 7.32
N VAL B 121 7.57 -21.73 7.29
CA VAL B 121 6.51 -22.77 6.99
C VAL B 121 6.46 -23.61 8.28
N ALA B 122 5.38 -23.54 9.06
CA ALA B 122 5.31 -24.08 10.46
C ALA B 122 4.54 -25.46 10.51
N HIS B 123 4.86 -26.33 11.46
CA HIS B 123 4.37 -27.76 11.47
C HIS B 123 4.39 -28.06 12.92
N TRP B 124 3.46 -28.89 13.38
CA TRP B 124 3.46 -29.35 14.79
C TRP B 124 3.59 -30.87 14.92
N ASN B 125 4.14 -31.34 16.04
CA ASN B 125 4.43 -32.80 16.13
C ASN B 125 3.13 -33.66 16.29
N SER B 126 2.55 -34.18 15.21
CA SER B 126 1.37 -35.05 15.34
C SER B 126 1.61 -36.53 15.74
N ALA B 127 2.86 -36.91 16.00
CA ALA B 127 3.13 -38.25 16.53
C ALA B 127 3.06 -38.29 18.05
N LYS B 128 3.57 -37.28 18.75
CA LYS B 128 3.55 -37.24 20.22
C LYS B 128 2.31 -36.53 20.80
N TYR B 129 1.73 -35.63 20.01
CA TYR B 129 0.69 -34.75 20.52
C TYR B 129 -0.52 -34.83 19.64
N SER B 130 -1.65 -34.38 20.22
CA SER B 130 -2.99 -34.47 19.55
C SER B 130 -3.44 -33.16 18.91
N SER B 131 -2.91 -32.02 19.36
CA SER B 131 -3.26 -30.71 18.77
C SER B 131 -2.12 -29.68 18.73
N LEU B 132 -2.29 -28.70 17.86
CA LEU B 132 -1.40 -27.52 17.90
C LEU B 132 -1.32 -26.86 19.27
N ALA B 133 -2.47 -26.69 19.93
CA ALA B 133 -2.53 -26.10 21.27
C ALA B 133 -1.64 -26.92 22.25
N GLU B 134 -1.63 -28.24 22.10
CA GLU B 134 -0.82 -29.08 22.98
C GLU B 134 0.67 -29.09 22.56
N ALA B 135 0.96 -29.41 21.29
CA ALA B 135 2.31 -29.28 20.67
C ALA B 135 3.03 -27.95 20.97
N ALA B 136 2.31 -26.82 21.05
CA ALA B 136 2.95 -25.48 20.92
C ALA B 136 3.87 -25.05 22.03
N SER B 137 3.74 -25.64 23.22
CA SER B 137 4.64 -25.20 24.30
C SER B 137 5.69 -26.30 24.65
N LYS B 138 5.69 -27.41 23.93
CA LYS B 138 6.59 -28.56 24.16
C LYS B 138 7.98 -28.36 23.48
N ALA B 139 9.09 -28.67 24.15
CA ALA B 139 10.46 -28.52 23.51
C ALA B 139 10.51 -29.09 22.05
N ASP B 140 9.88 -30.26 21.88
CA ASP B 140 9.80 -30.94 20.61
C ASP B 140 8.46 -30.75 19.83
N GLY B 141 7.69 -29.70 20.14
CA GLY B 141 6.32 -29.59 19.53
C GLY B 141 6.22 -29.05 18.12
N LEU B 142 7.09 -28.07 17.81
CA LEU B 142 7.01 -27.38 16.52
C LEU B 142 8.30 -27.51 15.68
N ALA B 143 8.12 -27.55 14.36
CA ALA B 143 9.16 -27.53 13.34
C ALA B 143 8.85 -26.49 12.28
N VAL B 144 9.76 -25.51 12.12
CA VAL B 144 9.52 -24.42 11.15
C VAL B 144 10.68 -24.35 10.16
N ILE B 145 10.40 -24.39 8.85
CA ILE B 145 11.40 -24.16 7.84
C ILE B 145 11.50 -22.68 7.54
N GLY B 146 12.69 -22.06 7.67
CA GLY B 146 12.86 -20.68 7.14
C GLY B 146 13.64 -20.68 5.87
N VAL B 147 13.20 -19.75 4.98
CA VAL B 147 13.80 -19.51 3.73
C VAL B 147 14.09 -18.04 3.62
N LEU B 148 15.36 -17.72 3.41
CA LEU B 148 15.79 -16.31 3.23
C LEU B 148 15.32 -15.79 1.86
N MET B 149 14.84 -14.54 1.82
CA MET B 149 14.39 -13.97 0.54
C MET B 149 15.26 -12.78 0.15
N LYS B 150 15.88 -12.85 -1.02
CA LYS B 150 16.85 -11.84 -1.46
C LYS B 150 16.18 -10.93 -2.53
N VAL B 151 16.20 -9.63 -2.33
CA VAL B 151 15.54 -8.69 -3.28
C VAL B 151 16.23 -8.84 -4.66
N GLY B 152 15.44 -9.01 -5.73
CA GLY B 152 16.00 -9.15 -7.09
C GLY B 152 14.84 -9.20 -8.06
N GLU B 153 14.81 -10.23 -8.90
CA GLU B 153 13.66 -10.53 -9.76
C GLU B 153 12.38 -10.77 -9.00
N ALA B 154 11.24 -10.46 -9.62
CA ALA B 154 9.95 -10.85 -9.09
C ALA B 154 9.88 -12.31 -9.01
N ASN B 155 9.32 -12.83 -7.92
CA ASN B 155 9.12 -14.22 -7.78
C ASN B 155 7.69 -14.62 -8.17
N PRO B 156 7.48 -15.28 -9.33
CA PRO B 156 6.09 -15.59 -9.65
C PRO B 156 5.43 -16.60 -8.76
N LYS B 157 6.19 -17.45 -8.02
CA LYS B 157 5.52 -18.39 -7.07
C LYS B 157 4.72 -17.68 -5.99
N LEU B 158 5.10 -16.45 -5.73
CA LEU B 158 4.47 -15.59 -4.75
C LEU B 158 3.13 -15.03 -5.19
N GLN B 159 2.82 -15.12 -6.49
CA GLN B 159 1.62 -14.55 -7.13
C GLN B 159 0.31 -14.78 -6.42
N LYS B 160 -0.12 -16.02 -6.21
CA LYS B 160 -1.44 -16.30 -5.67
C LYS B 160 -1.53 -15.70 -4.22
N VAL B 161 -0.41 -15.72 -3.47
CA VAL B 161 -0.43 -15.11 -2.12
C VAL B 161 -0.63 -13.59 -2.24
N LEU B 162 0.21 -12.91 -3.04
CA LEU B 162 0.07 -11.46 -3.20
C LEU B 162 -1.31 -11.00 -3.79
N ASP B 163 -1.90 -11.74 -4.74
CA ASP B 163 -3.24 -11.44 -5.27
C ASP B 163 -4.38 -11.56 -4.24
N ALA B 164 -4.15 -12.38 -3.22
CA ALA B 164 -5.12 -12.62 -2.17
C ALA B 164 -5.11 -11.46 -1.13
N LEU B 165 -4.05 -10.66 -1.08
CA LEU B 165 -3.97 -9.67 -0.02
C LEU B 165 -5.03 -8.49 -0.11
N GLN B 166 -5.51 -8.15 -1.34
CA GLN B 166 -6.55 -7.09 -1.46
C GLN B 166 -7.86 -7.44 -0.67
N ALA B 167 -8.12 -8.72 -0.39
CA ALA B 167 -9.34 -9.18 0.35
C ALA B 167 -9.11 -9.14 1.86
N ILE B 168 -7.86 -8.90 2.30
CA ILE B 168 -7.56 -8.97 3.76
C ILE B 168 -6.80 -7.78 4.20
N LYS B 169 -7.28 -6.61 3.74
CA LYS B 169 -6.46 -5.45 3.94
C LYS B 169 -6.25 -5.00 5.37
N THR B 170 -7.28 -5.21 6.24
CA THR B 170 -7.22 -4.61 7.60
C THR B 170 -7.24 -5.74 8.65
N LYS B 171 -6.82 -5.43 9.86
CA LYS B 171 -6.73 -6.42 10.91
C LYS B 171 -8.02 -7.18 11.14
N GLY B 172 -7.93 -8.49 11.15
CA GLY B 172 -9.08 -9.30 11.41
C GLY B 172 -9.79 -9.82 10.17
N LYS B 173 -9.55 -9.22 9.01
CA LYS B 173 -10.17 -9.72 7.78
C LYS B 173 -9.56 -11.05 7.41
N ARG B 174 -10.34 -11.93 6.70
CA ARG B 174 -9.87 -13.24 6.41
C ARG B 174 -10.65 -13.66 5.12
N ALA B 175 -10.12 -14.60 4.37
CA ALA B 175 -10.73 -15.11 3.18
C ALA B 175 -10.36 -16.56 2.92
N PRO B 176 -11.21 -17.33 2.21
CA PRO B 176 -10.77 -18.64 1.81
C PRO B 176 -9.49 -18.51 0.99
N PHE B 177 -8.64 -19.54 1.07
CA PHE B 177 -7.35 -19.62 0.33
C PHE B 177 -7.11 -21.11 0.17
N THR B 178 -7.36 -21.65 -1.03
CA THR B 178 -7.48 -23.06 -1.14
C THR B 178 -6.63 -23.52 -2.34
N ASN B 179 -6.46 -24.83 -2.39
CA ASN B 179 -5.76 -25.46 -3.47
C ASN B 179 -4.34 -24.81 -3.68
N PHE B 180 -3.48 -24.96 -2.66
CA PHE B 180 -2.11 -24.39 -2.73
C PHE B 180 -1.12 -25.24 -1.99
N ASP B 181 -0.03 -25.61 -2.69
CA ASP B 181 1.02 -26.45 -2.14
C ASP B 181 2.18 -25.49 -1.80
N PRO B 182 2.39 -25.20 -0.50
CA PRO B 182 3.46 -24.17 -0.30
C PRO B 182 4.94 -24.67 -0.44
N SER B 183 5.17 -25.97 -0.65
CA SER B 183 6.50 -26.51 -1.06
C SER B 183 6.95 -25.91 -2.39
N THR B 184 6.05 -25.39 -3.23
CA THR B 184 6.40 -24.65 -4.44
C THR B 184 7.14 -23.32 -4.11
N LEU B 185 7.04 -22.88 -2.89
CA LEU B 185 7.81 -21.70 -2.51
C LEU B 185 9.27 -22.00 -2.04
N LEU B 186 9.58 -23.25 -1.72
CA LEU B 186 10.98 -23.66 -1.34
C LEU B 186 12.03 -23.50 -2.41
N PRO B 187 13.33 -23.24 -2.05
CA PRO B 187 14.37 -23.27 -3.05
C PRO B 187 14.50 -24.73 -3.62
N SER B 188 15.12 -24.85 -4.80
CA SER B 188 15.32 -26.13 -5.45
C SER B 188 16.14 -27.16 -4.59
N SER B 189 17.18 -26.69 -3.90
CA SER B 189 17.93 -27.52 -3.00
C SER B 189 17.44 -27.27 -1.56
N LEU B 190 17.33 -28.36 -0.79
CA LEU B 190 16.93 -28.32 0.60
C LEU B 190 18.08 -28.58 1.59
N ASP B 191 19.33 -28.27 1.24
CA ASP B 191 20.45 -28.31 2.24
C ASP B 191 20.05 -27.36 3.32
N PHE B 192 20.38 -27.64 4.58
CA PHE B 192 19.84 -26.86 5.65
C PHE B 192 20.80 -26.76 6.85
N TRP B 193 20.64 -25.68 7.62
CA TRP B 193 21.07 -25.68 9.03
C TRP B 193 19.87 -25.95 9.99
N THR B 194 20.19 -26.52 11.13
CA THR B 194 19.19 -26.72 12.16
C THR B 194 19.76 -26.40 13.54
N TYR B 195 18.87 -25.84 14.38
CA TYR B 195 19.15 -25.50 15.79
C TYR B 195 17.83 -25.46 16.60
N PRO B 196 17.92 -25.61 17.95
CA PRO B 196 16.74 -25.53 18.79
C PRO B 196 16.46 -24.10 19.20
N GLY B 197 15.22 -23.62 18.97
CA GLY B 197 14.95 -22.20 19.28
C GLY B 197 13.51 -21.99 19.60
N SER B 198 12.94 -20.86 19.17
CA SER B 198 11.69 -20.43 19.73
C SER B 198 10.81 -19.82 18.64
N LEU B 199 9.54 -19.56 18.95
CA LEU B 199 8.65 -18.68 18.12
C LEU B 199 9.40 -17.36 18.15
N THR B 200 9.45 -16.68 17.03
CA THR B 200 10.09 -15.36 16.96
C THR B 200 9.23 -14.15 17.40
N HIS B 201 8.01 -14.37 17.83
CA HIS B 201 7.23 -13.31 18.45
C HIS B 201 6.38 -13.86 19.60
N PRO B 202 5.83 -13.01 20.49
CA PRO B 202 4.96 -13.53 21.61
C PRO B 202 3.99 -14.62 21.13
N PRO B 203 3.86 -15.76 21.82
CA PRO B 203 4.32 -15.97 23.19
C PRO B 203 5.77 -16.46 23.32
N LEU B 204 6.54 -16.55 22.22
CA LEU B 204 8.04 -16.81 22.36
C LEU B 204 8.42 -18.15 22.93
N TYR B 205 7.51 -19.12 22.78
CA TYR B 205 7.71 -20.39 23.38
C TYR B 205 8.99 -20.97 22.81
N GLU B 206 9.77 -21.69 23.61
CA GLU B 206 10.98 -22.33 23.08
C GLU B 206 10.70 -23.73 22.67
N SER B 207 9.89 -23.86 21.61
CA SER B 207 9.21 -25.13 21.23
C SER B 207 9.52 -25.48 19.80
N VAL B 208 10.43 -24.70 19.21
CA VAL B 208 10.68 -24.83 17.76
C VAL B 208 12.00 -25.47 17.35
N THR B 209 11.92 -26.52 16.54
CA THR B 209 13.11 -26.99 15.84
C THR B 209 13.22 -26.26 14.56
N TRP B 210 14.24 -25.41 14.43
CA TRP B 210 14.38 -24.59 13.18
C TRP B 210 15.11 -25.34 12.05
N ILE B 211 14.58 -25.25 10.85
CA ILE B 211 15.20 -25.74 9.70
C ILE B 211 15.47 -24.57 8.71
N ILE B 212 16.71 -24.01 8.66
CA ILE B 212 16.97 -22.83 7.83
C ILE B 212 17.61 -23.34 6.50
N CYS B 213 16.96 -23.09 5.32
CA CYS B 213 17.54 -23.46 4.10
C CYS B 213 18.82 -22.67 3.76
N LYS B 214 19.81 -23.40 3.20
CA LYS B 214 21.09 -22.81 2.74
C LYS B 214 20.80 -21.87 1.57
N GLU B 215 19.93 -22.28 0.62
CA GLU B 215 19.65 -21.41 -0.51
C GLU B 215 18.46 -20.44 -0.28
N SER B 216 18.59 -19.27 -0.85
CA SER B 216 17.59 -18.18 -0.73
C SER B 216 16.61 -18.25 -1.94
N ILE B 217 15.49 -17.53 -1.86
CA ILE B 217 14.59 -17.40 -3.00
C ILE B 217 14.49 -15.91 -3.29
N SER B 218 14.06 -15.59 -4.50
CA SER B 218 13.88 -14.16 -4.92
CA SER B 218 13.89 -14.19 -4.92
C SER B 218 12.58 -13.51 -4.43
N VAL B 219 12.58 -12.17 -4.47
CA VAL B 219 11.38 -11.37 -4.27
C VAL B 219 11.71 -9.98 -4.85
N SER B 220 10.75 -9.34 -5.49
CA SER B 220 11.04 -8.02 -6.09
C SER B 220 10.76 -6.91 -5.11
N SER B 221 11.30 -5.73 -5.40
CA SER B 221 11.03 -4.54 -4.60
C SER B 221 9.48 -4.23 -4.56
N GLU B 222 8.74 -4.53 -5.64
CA GLU B 222 7.34 -4.12 -5.64
C GLU B 222 6.55 -5.19 -4.91
N GLN B 223 7.05 -6.42 -4.92
CA GLN B 223 6.41 -7.43 -4.12
C GLN B 223 6.58 -7.19 -2.65
N LEU B 224 7.75 -6.73 -2.21
CA LEU B 224 7.89 -6.36 -0.83
C LEU B 224 6.89 -5.19 -0.45
N ALA B 225 6.74 -4.22 -1.35
CA ALA B 225 5.86 -3.13 -1.07
C ALA B 225 4.43 -3.63 -0.93
N GLN B 226 4.01 -4.67 -1.66
CA GLN B 226 2.70 -5.21 -1.43
C GLN B 226 2.54 -5.75 0.03
N PHE B 227 3.53 -6.44 0.59
CA PHE B 227 3.41 -6.80 1.97
C PHE B 227 3.26 -5.55 2.83
N ARG B 228 4.07 -4.53 2.62
CA ARG B 228 4.04 -3.36 3.48
C ARG B 228 2.81 -2.50 3.28
N SER B 229 1.99 -2.81 2.29
CA SER B 229 0.82 -2.04 2.13
C SER B 229 -0.40 -2.71 2.83
N LEU B 230 -0.18 -3.89 3.46
CA LEU B 230 -1.16 -4.42 4.40
C LEU B 230 -1.33 -3.44 5.60
N LEU B 231 -2.56 -3.38 6.15
CA LEU B 231 -2.85 -2.43 7.23
C LEU B 231 -2.99 -3.15 8.58
N SER B 232 -2.33 -2.60 9.59
CA SER B 232 -2.39 -3.15 10.94
C SER B 232 -3.64 -2.69 11.78
N ASN B 233 -4.44 -1.76 11.26
CA ASN B 233 -5.62 -1.11 12.00
C ASN B 233 -6.87 -1.87 11.58
N VAL B 234 -7.94 -1.78 12.39
CA VAL B 234 -9.18 -2.36 12.00
C VAL B 234 -9.79 -1.43 10.97
N GLU B 235 -10.66 -1.99 10.17
CA GLU B 235 -11.38 -1.26 9.12
C GLU B 235 -12.11 -0.06 9.69
N GLY B 236 -12.00 1.07 9.01
CA GLY B 236 -12.69 2.31 9.39
C GLY B 236 -11.74 3.19 10.15
N ASP B 237 -10.72 2.62 10.79
CA ASP B 237 -9.71 3.52 11.46
C ASP B 237 -8.74 4.10 10.47
N ASN B 238 -7.91 5.05 10.90
CA ASN B 238 -6.98 5.65 9.95
C ASN B 238 -5.94 4.57 9.52
N ALA B 239 -5.74 4.44 8.21
CA ALA B 239 -4.88 3.37 7.62
C ALA B 239 -3.49 3.40 8.21
N VAL B 240 -3.01 2.29 8.79
CA VAL B 240 -1.60 2.26 9.32
C VAL B 240 -0.79 1.08 8.72
N PRO B 241 0.12 1.37 7.77
CA PRO B 241 0.76 0.29 7.02
C PRO B 241 1.62 -0.54 7.91
N MET B 242 1.61 -1.82 7.58
CA MET B 242 2.43 -2.88 8.23
C MET B 242 3.86 -2.82 7.75
N GLN B 243 4.65 -1.91 8.30
CA GLN B 243 5.91 -1.63 7.76
C GLN B 243 6.98 -2.66 7.95
N HIS B 244 7.06 -3.31 9.11
CA HIS B 244 8.09 -4.35 9.38
C HIS B 244 7.57 -5.28 10.48
N ASN B 245 8.14 -6.48 10.58
CA ASN B 245 7.75 -7.37 11.62
C ASN B 245 8.85 -8.43 11.88
N ASN B 246 10.13 -7.98 11.84
CA ASN B 246 11.27 -8.89 12.01
C ASN B 246 11.93 -8.64 13.33
N ARG B 247 12.07 -9.71 14.10
CA ARG B 247 12.77 -9.61 15.37
C ARG B 247 14.29 -9.59 15.17
N PRO B 248 15.08 -8.71 15.89
CA PRO B 248 16.55 -8.89 15.85
C PRO B 248 17.06 -10.29 16.28
N THR B 249 18.26 -10.69 15.84
CA THR B 249 18.83 -12.00 16.20
C THR B 249 19.16 -11.97 17.71
N GLN B 250 19.08 -13.14 18.33
CA GLN B 250 19.19 -13.33 19.78
C GLN B 250 20.41 -14.19 20.09
N PRO B 251 20.99 -14.01 21.32
CA PRO B 251 22.23 -14.78 21.58
C PRO B 251 22.09 -16.28 21.52
N LEU B 252 23.12 -16.97 21.01
CA LEU B 252 23.07 -18.42 20.91
C LEU B 252 23.16 -19.08 22.28
N LYS B 253 23.80 -18.44 23.28
CA LYS B 253 23.92 -19.04 24.60
C LYS B 253 24.29 -20.47 24.64
N GLY B 254 25.30 -20.80 23.86
CA GLY B 254 25.94 -22.11 23.91
C GLY B 254 25.30 -23.14 22.99
N ARG B 255 24.31 -22.73 22.18
CA ARG B 255 23.63 -23.69 21.28
C ARG B 255 24.55 -23.99 20.11
N THR B 256 24.35 -25.12 19.46
CA THR B 256 25.10 -25.44 18.28
C THR B 256 24.15 -25.39 17.09
N VAL B 257 24.58 -24.72 16.03
CA VAL B 257 23.88 -24.81 14.76
C VAL B 257 24.49 -25.91 13.95
N ARG B 258 23.72 -26.92 13.58
CA ARG B 258 24.22 -28.06 12.83
C ARG B 258 23.93 -27.89 11.37
N ALA B 259 24.77 -28.43 10.51
CA ALA B 259 24.61 -28.40 9.03
C ALA B 259 24.36 -29.77 8.45
N SER B 260 23.44 -29.83 7.49
CA SER B 260 23.17 -31.07 6.81
C SER B 260 24.22 -31.29 5.69
N PHE B 261 25.07 -30.33 5.40
CA PHE B 261 25.84 -30.36 4.16
C PHE B 261 27.27 -29.94 4.37
ZN ZN C . -5.38 18.79 -9.09
C1 FO9 D . -2.30 19.22 -13.47
C2 FO9 D . -3.20 19.13 -14.68
N2 FO9 D . 2.40 22.85 -20.22
O1 FO9 D . -4.62 22.49 -10.76
S2 FO9 D . -4.92 21.11 -11.05
O FO9 D . -6.25 20.69 -11.35
N6 FO9 D . -4.29 20.19 -9.87
N5 FO9 D . -4.03 20.72 -12.44
C FO9 D . -2.69 20.32 -12.54
N FO9 D . -1.72 20.93 -11.82
S FO9 D . -2.28 19.07 -16.24
C3 FO9 D . -2.50 20.77 -16.87
C4 FO9 D . -1.30 21.32 -17.53
N4 FO9 D . -1.22 21.27 -18.92
C6 FO9 D . -0.07 21.81 -19.31
S1 FO9 D . 0.96 22.38 -18.06
C5 FO9 D . -0.22 21.87 -16.92
N1 FO9 D . 0.31 21.93 -20.62
C7 FO9 D . 1.49 22.42 -21.08
N3 FO9 D . 1.72 22.48 -22.37
ZN ZN E . 7.63 -16.33 11.59
C1 FO9 F . 4.15 -18.11 16.09
C1 FO9 F . 3.52 -18.86 14.83
C2 FO9 F . 2.91 -17.50 15.45
C2 FO9 F . 2.70 -17.79 14.14
N2 FO9 F . -3.93 -21.81 14.82
N2 FO9 F . 1.28 -20.04 20.47
O1 FO9 F . 8.34 -17.93 15.07
O1 FO9 F . 8.46 -18.52 14.93
S2 FO9 F . 7.58 -17.60 13.90
S2 FO9 F . 7.52 -18.44 13.85
O FO9 F . 7.64 -18.45 12.74
O FO9 F . 7.46 -19.47 12.84
N6 FO9 F . 7.81 -16.03 13.55
N6 FO9 F . 7.65 -16.99 13.16
N5 FO9 F . 6.00 -17.81 14.44
N5 FO9 F . 5.98 -18.47 14.57
C FO9 F . 5.41 -17.43 15.65
C FO9 F . 4.82 -19.11 14.15
N FO9 F . 5.99 -16.45 16.38
N FO9 F . 4.84 -19.99 13.12
S FO9 F . 1.54 -17.22 16.64
S FO9 F . 0.98 -17.76 14.71
C3 FO9 F . 0.20 -16.73 15.52
C3 FO9 F . 0.54 -19.52 14.65
C4 FO9 F . -1.00 -17.61 15.58
C4 FO9 F . 0.88 -20.26 15.89
N4 FO9 F . -1.29 -18.42 14.49
N4 FO9 F . -0.04 -20.27 16.93
C6 FO9 F . -2.43 -19.09 14.72
C6 FO9 F . 0.45 -20.99 17.94
S1 FO9 F . -3.17 -18.76 16.24
S1 FO9 F . 2.00 -21.67 17.69
C5 FO9 F . -1.88 -17.67 16.60
C5 FO9 F . 2.01 -20.95 16.12
N1 FO9 F . -2.96 -19.99 13.76
N1 FO9 F . -0.21 -21.19 19.12
C7 FO9 F . -3.52 -21.24 13.72
C7 FO9 F . 0.17 -20.74 20.35
N3 FO9 F . -3.51 -21.91 12.58
N3 FO9 F . -0.57 -21.02 21.40
C1 GOL G . 21.81 -39.49 6.90
O1 GOL G . 21.31 -39.24 8.21
C2 GOL G . 20.91 -39.12 5.70
O2 GOL G . 21.67 -38.32 4.86
C3 GOL G . 20.40 -40.41 5.01
O3 GOL G . 20.35 -40.39 3.59
C1 GOL H . -6.15 -29.36 24.03
O1 GOL H . -6.99 -28.83 22.94
C2 GOL H . -5.23 -28.26 24.55
O2 GOL H . -5.89 -27.31 25.41
C3 GOL H . -3.93 -28.78 25.21
O3 GOL H . -3.18 -27.68 25.75
C1 GOL I . 16.93 -33.39 -0.97
O1 GOL I . 16.37 -32.87 0.26
C2 GOL I . 18.05 -32.49 -1.55
O2 GOL I . 17.50 -31.27 -2.15
C3 GOL I . 19.08 -32.15 -0.46
O3 GOL I . 20.25 -31.55 -1.01
#